data_4OKF
#
_entry.id   4OKF
#
_cell.length_a   43.8
_cell.length_b   43.8
_cell.length_c   96.7
_cell.angle_alpha   90.00
_cell.angle_beta   90.00
_cell.angle_gamma   120.00
#
_symmetry.space_group_name_H-M   'P 31 2 1'
#
loop_
_entity.id
_entity.type
_entity.pdbx_description
1 polymer 'Ribonuclease pancreatic'
2 polymer 'Ribonuclease pancreatic'
3 non-polymer 'SULFATE ION'
4 non-polymer 'CHLORIDE ION'
5 water water
#
loop_
_entity_poly.entity_id
_entity_poly.type
_entity_poly.pdbx_seq_one_letter_code
_entity_poly.pdbx_strand_id
1 'polypeptide(L)' KETAA(DHA)KFERQH(NLE)DS A
2 'polypeptide(L)'
;SSSNYCNQMMKSRNLTKDRCKPVNTFVHESLADVQAVCSQKNVACKNGQTNCYQSYSTMSITDCRETGSSKYPNCAYKTT
QANKHIIVACEGNPYVPVHFDASV
;
B
#
loop_
_chem_comp.id
_chem_comp.type
_chem_comp.name
_chem_comp.formula
CL non-polymer 'CHLORIDE ION' 'Cl -1'
SO4 non-polymer 'SULFATE ION' 'O4 S -2'
#
# COMPACT_ATOMS: atom_id res chain seq x y z
N LYS A 1 -18.70 -4.22 -7.42
CA LYS A 1 -18.14 -4.57 -6.06
C LYS A 1 -16.67 -4.86 -6.18
N GLU A 2 -15.91 -4.17 -5.36
CA GLU A 2 -14.47 -4.21 -5.47
C GLU A 2 -13.89 -5.50 -4.92
N THR A 3 -12.99 -6.13 -5.66
CA THR A 3 -12.26 -7.33 -5.22
C THR A 3 -11.13 -6.93 -4.28
N ALA A 4 -10.52 -7.90 -3.60
CA ALA A 4 -9.38 -7.63 -2.73
C ALA A 4 -8.21 -7.08 -3.54
N ALA A 5 -8.00 -7.67 -4.71
CA ALA A 5 -6.93 -7.18 -5.61
C ALA A 5 -7.23 -5.75 -6.03
N DHA A 6 -8.64 -5.37 -6.43
CA DHA A 6 -9.02 -4.09 -6.67
CB DHA A 6 -9.70 -3.80 -7.74
C DHA A 6 -8.76 -3.07 -5.64
O DHA A 6 -8.29 -1.93 -5.78
N LYS A 7 -9.05 -3.49 -4.33
CA LYS A 7 -8.84 -2.63 -3.18
C LYS A 7 -7.32 -2.34 -2.96
N PHE A 8 -6.48 -3.36 -3.08
CA PHE A 8 -5.07 -3.08 -2.99
C PHE A 8 -4.61 -2.01 -4.02
N GLU A 9 -5.08 -2.14 -5.27
CA GLU A 9 -4.66 -1.19 -6.32
C GLU A 9 -5.11 0.21 -6.02
N ARG A 10 -6.36 0.35 -5.62
CA ARG A 10 -6.88 1.67 -5.25
C ARG A 10 -6.17 2.29 -4.10
N GLN A 11 -5.93 1.50 -3.08
CA GLN A 11 -5.27 2.02 -1.87
C GLN A 11 -3.77 2.30 -2.03
N HIS A 12 -3.09 1.50 -2.83
CA HIS A 12 -1.67 1.46 -2.76
C HIS A 12 -0.93 1.80 -4.04
N NLE A 13 -1.52 1.74 -5.20
CA NLE A 13 -0.76 1.95 -6.42
C NLE A 13 -0.77 3.40 -6.85
O NLE A 13 -1.87 3.98 -6.97
CB NLE A 13 -1.41 1.08 -7.55
CG NLE A 13 -1.03 -0.37 -7.43
CD NLE A 13 0.45 -0.69 -7.53
CE NLE A 13 1.18 0.14 -8.55
N ASP A 14 0.37 4.00 -7.13
CA ASP A 14 0.44 5.32 -7.76
C ASP A 14 1.61 5.38 -8.69
N SER A 15 1.44 4.66 -9.77
CA SER A 15 2.49 4.44 -10.73
CA SER A 15 2.52 4.45 -10.69
C SER A 15 3.01 5.75 -11.30
N ASN B 4 -0.85 18.80 0.93
CA ASN B 4 0.23 17.84 0.67
C ASN B 4 -0.32 16.59 -0.13
N TYR B 5 0.63 15.86 -0.71
CA TYR B 5 0.33 14.64 -1.48
C TYR B 5 -0.51 13.64 -0.75
N CYS B 6 -0.20 13.40 0.50
CA CYS B 6 -0.95 12.39 1.33
C CYS B 6 -2.40 12.82 1.48
N ASN B 7 -2.63 14.07 1.88
CA ASN B 7 -4.01 14.53 2.04
C ASN B 7 -4.78 14.42 0.70
N GLN B 8 -4.13 14.81 -0.42
CA GLN B 8 -4.74 14.84 -1.76
C GLN B 8 -5.04 13.42 -2.26
N MET B 9 -4.05 12.54 -2.16
CA MET B 9 -4.19 11.19 -2.72
C MET B 9 -5.03 10.30 -1.84
N MET B 10 -4.94 10.50 -0.53
CA MET B 10 -5.81 9.80 0.45
CA MET B 10 -5.84 9.76 0.34
C MET B 10 -7.29 10.13 0.18
N LYS B 11 -7.56 11.39 -0.17
CA LYS B 11 -8.91 11.77 -0.43
C LYS B 11 -9.33 11.17 -1.76
N SER B 12 -8.54 11.40 -2.80
CA SER B 12 -8.90 10.97 -4.12
CA SER B 12 -8.90 10.92 -4.16
C SER B 12 -9.13 9.43 -4.22
N ARG B 13 -8.35 8.68 -3.50
CA ARG B 13 -8.43 7.22 -3.47
C ARG B 13 -9.45 6.66 -2.48
N ASN B 14 -10.26 7.54 -1.86
CA ASN B 14 -11.36 7.15 -0.95
C ASN B 14 -10.86 6.43 0.33
N LEU B 15 -9.80 7.00 0.92
CA LEU B 15 -9.31 6.60 2.23
C LEU B 15 -9.54 7.67 3.27
N THR B 16 -10.02 8.83 2.88
CA THR B 16 -10.28 9.84 3.87
C THR B 16 -11.61 10.54 3.65
N LYS B 17 -12.41 9.98 2.72
CA LYS B 17 -13.70 10.60 2.47
C LYS B 17 -14.71 10.28 3.59
N ASP B 18 -14.59 9.07 4.14
CA ASP B 18 -15.55 8.60 5.14
CA ASP B 18 -15.51 8.52 5.13
C ASP B 18 -14.88 8.17 6.46
N ARG B 19 -13.60 8.46 6.60
CA ARG B 19 -12.85 8.23 7.83
C ARG B 19 -11.48 8.86 7.65
N CYS B 20 -10.65 8.87 8.69
CA CYS B 20 -9.22 9.16 8.49
C CYS B 20 -8.42 7.86 8.69
N LYS B 21 -8.00 7.24 7.63
CA LYS B 21 -7.21 5.99 7.72
C LYS B 21 -5.85 6.35 8.36
N PRO B 22 -5.45 5.68 9.43
CA PRO B 22 -4.28 6.14 10.17
C PRO B 22 -2.98 6.08 9.41
N VAL B 23 -2.79 5.00 8.66
CA VAL B 23 -1.56 4.77 7.92
CA VAL B 23 -1.57 4.85 7.89
C VAL B 23 -1.89 4.27 6.51
N ASN B 24 -1.17 4.74 5.51
CA ASN B 24 -1.31 4.16 4.18
C ASN B 24 -0.03 4.39 3.39
N THR B 25 0.36 3.37 2.61
CA THR B 25 1.52 3.43 1.76
C THR B 25 1.13 3.43 0.30
N PHE B 26 1.72 4.31 -0.50
CA PHE B 26 1.55 4.36 -1.95
C PHE B 26 2.90 3.98 -2.60
N VAL B 27 2.80 3.15 -3.60
CA VAL B 27 3.98 2.66 -4.37
CA VAL B 27 3.98 2.66 -4.33
C VAL B 27 4.02 3.29 -5.73
N HIS B 28 5.14 3.89 -6.02
CA HIS B 28 5.36 4.59 -7.30
C HIS B 28 6.09 3.71 -8.26
N GLU B 29 5.51 2.59 -8.60
CA GLU B 29 6.00 1.66 -9.60
C GLU B 29 4.83 1.20 -10.42
N SER B 30 5.08 0.64 -11.60
CA SER B 30 3.99 0.15 -12.38
C SER B 30 3.21 -0.95 -11.67
N LEU B 31 1.91 -1.08 -11.98
CA LEU B 31 1.11 -2.14 -11.41
C LEU B 31 1.76 -3.46 -11.72
N ALA B 32 2.18 -3.64 -12.96
CA ALA B 32 2.81 -4.93 -13.36
C ALA B 32 4.08 -5.26 -12.54
N ASP B 33 4.88 -4.26 -12.25
CA ASP B 33 6.10 -4.50 -11.46
C ASP B 33 5.81 -4.83 -10.03
N VAL B 34 4.74 -4.30 -9.50
CA VAL B 34 4.26 -4.65 -8.11
C VAL B 34 3.66 -6.03 -8.14
N GLN B 35 2.84 -6.33 -9.13
CA GLN B 35 2.28 -7.70 -9.25
C GLN B 35 3.37 -8.77 -9.36
N ALA B 36 4.47 -8.42 -9.98
CA ALA B 36 5.61 -9.30 -10.18
C ALA B 36 6.19 -9.74 -8.85
N VAL B 37 5.94 -9.01 -7.78
CA VAL B 37 6.48 -9.36 -6.45
C VAL B 37 5.97 -10.70 -5.97
N CYS B 38 4.78 -11.10 -6.43
CA CYS B 38 4.16 -12.35 -5.99
C CYS B 38 4.87 -13.62 -6.45
N SER B 39 5.86 -13.42 -7.30
CA SER B 39 6.79 -14.52 -7.72
C SER B 39 8.26 -14.22 -7.38
N GLN B 40 8.48 -13.29 -6.46
CA GLN B 40 9.79 -12.97 -5.94
C GLN B 40 10.11 -13.82 -4.69
N LYS B 41 10.68 -13.22 -3.66
CA LYS B 41 11.08 -13.95 -2.49
C LYS B 41 9.94 -14.26 -1.50
N ASN B 42 9.58 -15.52 -1.38
CA ASN B 42 8.61 -15.96 -0.41
C ASN B 42 9.15 -15.79 1.01
N VAL B 43 8.39 -15.09 1.85
CA VAL B 43 8.81 -14.86 3.23
C VAL B 43 7.60 -15.15 4.08
N ALA B 44 7.85 -15.37 5.38
CA ALA B 44 6.77 -15.49 6.32
C ALA B 44 5.96 -14.24 6.44
N CYS B 45 4.65 -14.35 6.72
CA CYS B 45 3.83 -13.21 7.03
C CYS B 45 3.81 -13.04 8.54
N LYS B 46 3.59 -11.81 8.98
CA LYS B 46 3.39 -11.56 10.40
C LYS B 46 2.26 -12.38 11.03
N ASN B 47 1.20 -12.64 10.28
CA ASN B 47 0.01 -13.33 10.79
C ASN B 47 0.11 -14.83 10.82
N GLY B 48 1.26 -15.35 10.45
CA GLY B 48 1.56 -16.75 10.42
C GLY B 48 1.40 -17.42 9.08
N GLN B 49 0.72 -16.77 8.13
CA GLN B 49 0.54 -17.36 6.84
C GLN B 49 1.90 -17.29 6.11
N THR B 50 2.04 -17.92 4.99
CA THR B 50 3.29 -17.89 4.24
C THR B 50 3.01 -17.53 2.75
N ASN B 51 1.95 -16.78 2.49
CA ASN B 51 1.70 -16.21 1.16
C ASN B 51 2.24 -14.78 0.99
N CYS B 52 3.29 -14.45 1.72
CA CYS B 52 3.93 -13.12 1.61
C CYS B 52 5.19 -13.25 0.78
N TYR B 53 5.52 -12.13 0.11
CA TYR B 53 6.60 -12.04 -0.80
C TYR B 53 7.26 -10.69 -0.64
N GLN B 54 8.58 -10.70 -0.71
CA GLN B 54 9.40 -9.50 -0.57
C GLN B 54 10.09 -9.22 -1.90
N SER B 55 10.01 -7.96 -2.33
CA SER B 55 10.62 -7.52 -3.57
C SER B 55 12.12 -7.68 -3.54
N TYR B 56 12.71 -8.15 -4.64
CA TYR B 56 14.16 -8.19 -4.74
C TYR B 56 14.78 -6.81 -4.60
N SER B 57 14.09 -5.86 -5.23
CA SER B 57 14.52 -4.47 -5.38
CA SER B 57 14.61 -4.50 -5.25
C SER B 57 13.89 -3.57 -4.30
N THR B 58 14.54 -2.41 -4.04
CA THR B 58 13.87 -1.34 -3.35
C THR B 58 12.93 -0.65 -4.39
N MET B 59 11.80 -0.14 -3.91
CA MET B 59 10.81 0.55 -4.68
C MET B 59 10.54 1.89 -4.07
N SER B 60 10.09 2.82 -4.90
CA SER B 60 9.74 4.17 -4.50
C SER B 60 8.39 4.13 -3.80
N ILE B 61 8.39 4.55 -2.57
CA ILE B 61 7.13 4.57 -1.80
C ILE B 61 6.97 5.86 -0.99
N THR B 62 5.75 6.23 -0.84
CA THR B 62 5.36 7.32 0.02
C THR B 62 4.51 6.70 1.16
N ASP B 63 4.94 6.99 2.39
CA ASP B 63 4.20 6.67 3.59
CA ASP B 63 4.20 6.68 3.59
C ASP B 63 3.39 7.89 4.02
N CYS B 64 2.13 7.64 4.29
CA CYS B 64 1.23 8.59 4.82
C CYS B 64 0.78 8.21 6.18
N ARG B 65 1.02 9.04 7.17
CA ARG B 65 0.67 8.69 8.58
C ARG B 65 -0.07 9.89 9.17
N GLU B 66 -1.23 9.62 9.73
CA GLU B 66 -2.00 10.63 10.41
C GLU B 66 -1.19 11.31 11.51
N THR B 67 -1.36 12.60 11.63
CA THR B 67 -0.78 13.35 12.72
C THR B 67 -1.51 13.00 14.03
N GLY B 68 -0.89 13.36 15.15
CA GLY B 68 -1.46 13.13 16.43
C GLY B 68 -2.77 13.90 16.65
N SER B 69 -2.91 15.07 16.04
CA SER B 69 -4.10 15.92 16.27
C SER B 69 -5.26 15.62 15.29
N SER B 70 -4.93 14.88 14.23
CA SER B 70 -5.85 14.63 13.13
C SER B 70 -7.10 13.94 13.64
N LYS B 71 -8.25 14.34 13.12
CA LYS B 71 -9.50 13.87 13.56
C LYS B 71 -10.52 14.10 12.41
N TYR B 72 -11.31 13.14 12.06
CA TYR B 72 -12.29 13.27 10.97
C TYR B 72 -13.26 14.38 11.34
N PRO B 73 -13.63 15.22 10.35
CA PRO B 73 -13.35 15.15 8.91
C PRO B 73 -12.09 15.83 8.46
N ASN B 74 -11.38 16.47 9.38
CA ASN B 74 -10.18 17.26 9.03
C ASN B 74 -8.92 16.44 9.19
N CYS B 75 -8.84 15.41 8.37
CA CYS B 75 -7.71 14.46 8.43
C CYS B 75 -6.44 15.20 8.05
N ALA B 76 -5.35 14.84 8.68
CA ALA B 76 -4.06 15.51 8.41
C ALA B 76 -2.98 14.45 8.48
N TYR B 77 -2.10 14.51 7.48
CA TYR B 77 -1.06 13.49 7.27
C TYR B 77 0.30 14.09 7.26
N LYS B 78 1.22 13.32 7.81
CA LYS B 78 2.65 13.45 7.54
C LYS B 78 3.04 12.61 6.40
N THR B 79 3.89 13.13 5.49
CA THR B 79 4.34 12.50 4.26
C THR B 79 5.80 12.18 4.38
N THR B 80 6.13 10.89 4.23
CA THR B 80 7.53 10.45 4.24
C THR B 80 7.84 9.66 2.96
N GLN B 81 8.87 10.06 2.25
CA GLN B 81 9.20 9.41 0.97
C GLN B 81 10.41 8.54 1.22
N ALA B 82 10.39 7.33 0.64
CA ALA B 82 11.49 6.39 0.80
C ALA B 82 11.62 5.41 -0.40
N ASN B 83 12.78 4.77 -0.48
CA ASN B 83 13.00 3.66 -1.36
C ASN B 83 13.26 2.46 -0.49
N LYS B 84 12.33 1.54 -0.47
CA LYS B 84 12.32 0.40 0.40
C LYS B 84 11.87 -0.88 -0.33
N HIS B 85 12.32 -2.05 0.14
CA HIS B 85 11.71 -3.29 -0.29
C HIS B 85 10.28 -3.33 0.18
N ILE B 86 9.40 -3.87 -0.61
CA ILE B 86 8.02 -4.06 -0.18
C ILE B 86 7.73 -5.55 0.14
N ILE B 87 6.77 -5.75 1.02
CA ILE B 87 6.30 -7.08 1.36
CA ILE B 87 6.30 -7.07 1.31
C ILE B 87 4.81 -7.07 1.13
N VAL B 88 4.33 -7.99 0.30
CA VAL B 88 2.90 -8.09 0.01
C VAL B 88 2.41 -9.51 0.31
N ALA B 89 1.15 -9.63 0.62
CA ALA B 89 0.46 -10.89 0.67
C ALA B 89 -0.24 -11.10 -0.66
N CYS B 90 -0.08 -12.29 -1.23
CA CYS B 90 -0.63 -12.65 -2.55
C CYS B 90 -1.68 -13.75 -2.47
N GLU B 91 -2.60 -13.68 -3.41
CA GLU B 91 -3.71 -14.61 -3.45
C GLU B 91 -4.40 -14.59 -4.77
N GLY B 92 -5.03 -15.73 -5.05
CA GLY B 92 -5.95 -15.83 -6.17
C GLY B 92 -5.37 -16.45 -7.41
N ASN B 93 -6.23 -16.51 -8.43
CA ASN B 93 -5.83 -16.86 -9.80
CA ASN B 93 -5.85 -16.88 -9.78
C ASN B 93 -6.36 -15.78 -10.75
N PRO B 94 -5.49 -14.88 -11.20
CA PRO B 94 -4.06 -14.81 -11.01
C PRO B 94 -3.66 -14.49 -9.58
N TYR B 95 -2.44 -14.86 -9.25
CA TYR B 95 -1.89 -14.73 -7.93
C TYR B 95 -1.27 -13.37 -7.81
N VAL B 96 -2.01 -12.50 -7.16
CA VAL B 96 -1.75 -11.07 -7.19
C VAL B 96 -1.75 -10.49 -5.76
N PRO B 97 -1.23 -9.28 -5.60
CA PRO B 97 -1.17 -8.68 -4.24
C PRO B 97 -2.55 -8.30 -3.74
N VAL B 98 -2.82 -8.69 -2.49
CA VAL B 98 -4.07 -8.33 -1.84
C VAL B 98 -3.87 -7.54 -0.53
N HIS B 99 -2.67 -7.47 0.00
CA HIS B 99 -2.41 -6.71 1.19
C HIS B 99 -1.01 -6.24 1.13
N PHE B 100 -0.88 -4.99 1.54
CA PHE B 100 0.38 -4.36 1.72
CA PHE B 100 0.38 -4.34 1.75
C PHE B 100 0.72 -4.57 3.16
N ASP B 101 1.78 -5.30 3.39
CA ASP B 101 2.22 -5.58 4.74
C ASP B 101 3.28 -4.70 5.41
N ALA B 102 4.39 -4.54 4.73
CA ALA B 102 5.50 -3.75 5.24
C ALA B 102 6.38 -3.20 4.10
N SER B 103 7.25 -2.28 4.51
CA SER B 103 8.29 -1.70 3.68
C SER B 103 9.60 -1.72 4.48
N VAL B 104 10.64 -2.22 3.79
CA VAL B 104 12.00 -2.47 4.32
C VAL B 104 13.17 -2.07 3.35
S SO4 C . -8.92 -1.06 5.48
O1 SO4 C . -9.33 -0.30 6.71
O2 SO4 C . -8.91 -0.23 4.36
O3 SO4 C . -7.62 -1.70 5.73
O4 SO4 C . -9.95 -2.08 5.28
CL CL D . -12.05 -10.85 -3.80
CL CL E . -11.00 1.93 1.80
CL CL F . 0.72 1.00 -14.07
S SO4 G . -3.60 -3.51 2.70
O1 SO4 G . -4.11 -2.22 3.24
O2 SO4 G . -4.68 -4.52 2.86
O3 SO4 G . -3.33 -3.41 1.31
O4 SO4 G . -2.41 -3.83 3.52
CL CL H . 4.89 2.33 8.39
CL CL I . 6.17 -11.14 14.49
CL CL J . -0.19 0.63 4.18
CL CL K . -0.75 -19.61 4.38
CL CL L . -3.86 -12.76 2.80
CL CL M . -12.19 8.20 11.40
CL CL N . 15.07 5.88 1.43
CL CL O . -9.77 3.64 10.01
CL CL P . 3.73 -9.71 7.00
#